data_5CXD
#
_entry.id   5CXD
#
_cell.length_a   103.117
_cell.length_b   103.117
_cell.length_c   71.189
_cell.angle_alpha   90.00
_cell.angle_beta   90.00
_cell.angle_gamma   90.00
#
_symmetry.space_group_name_H-M   'I 4'
#
loop_
_entity.id
_entity.type
_entity.pdbx_description
1 polymer 'Holo-[acyl-carrier-protein] synthase'
2 non-polymer 'CHLORIDE ION'
3 non-polymer 'NICKEL (II) ION'
4 non-polymer DI(HYDROXYETHYL)ETHER
5 water water
#
_entity_poly.entity_id   1
_entity_poly.type   'polypeptide(L)'
_entity_poly.pdbx_seq_one_letter_code
;SNAMIHGIGVDLIEIDRIQALYSKQPKLVERILTKNEQHKFNNFTHEQRKIEFLAGRFATKEAFSKALGTGLGKHVAFND
IDCYNDELGKPKIDYEGFIVHVSISHTEHYAMSQVVLEKSAF
;
_entity_poly.pdbx_strand_id   A,B,C
#
# COMPACT_ATOMS: atom_id res chain seq x y z
N SER A 1 -24.06 15.12 -1.53
CA SER A 1 -22.75 15.07 -2.24
C SER A 1 -21.79 14.09 -1.56
N ASN A 2 -20.82 13.62 -2.32
CA ASN A 2 -19.92 12.61 -1.77
C ASN A 2 -18.91 13.13 -0.75
N ALA A 3 -18.52 12.28 0.19
CA ALA A 3 -17.44 12.61 1.10
C ALA A 3 -16.21 12.95 0.26
N MET A 4 -15.24 13.65 0.84
CA MET A 4 -14.02 14.00 0.14
C MET A 4 -12.73 13.45 0.80
N ILE A 5 -11.78 13.00 -0.02
CA ILE A 5 -10.50 12.54 0.50
C ILE A 5 -9.57 13.74 0.69
N HIS A 6 -9.07 13.91 1.90
CA HIS A 6 -8.12 14.98 2.16
C HIS A 6 -6.72 14.61 1.70
N GLY A 7 -6.31 13.38 1.99
CA GLY A 7 -4.99 12.96 1.63
C GLY A 7 -4.79 11.48 1.97
N ILE A 8 -3.77 10.91 1.36
CA ILE A 8 -3.39 9.52 1.63
C ILE A 8 -1.90 9.44 1.94
N GLY A 9 -1.55 8.42 2.66
CA GLY A 9 -0.17 8.20 3.00
C GLY A 9 0.16 6.74 3.13
N VAL A 10 1.40 6.40 2.76
CA VAL A 10 1.89 5.04 2.92
C VAL A 10 3.30 5.09 3.41
N ASP A 11 3.70 4.07 4.18
CA ASP A 11 5.08 3.98 4.64
C ASP A 11 5.49 2.54 4.82
N LEU A 12 6.71 2.24 4.35
CA LEU A 12 7.33 0.94 4.43
C LEU A 12 8.60 1.10 5.25
N ILE A 13 8.77 0.21 6.24
CA ILE A 13 9.85 0.26 7.22
C ILE A 13 10.55 -1.11 7.28
N GLU A 14 11.87 -1.07 7.28
CA GLU A 14 12.68 -2.27 7.44
C GLU A 14 12.83 -2.51 8.95
N ILE A 15 12.31 -3.64 9.41
CA ILE A 15 12.27 -3.92 10.84
C ILE A 15 13.66 -3.88 11.50
N ASP A 16 14.68 -4.34 10.79
CA ASP A 16 16.05 -4.29 11.35
C ASP A 16 16.52 -2.90 11.77
N ARG A 17 16.10 -1.87 11.03
CA ARG A 17 16.46 -0.50 11.41
C ARG A 17 15.81 -0.12 12.73
N ILE A 18 14.59 -0.56 12.93
CA ILE A 18 13.89 -0.29 14.18
C ILE A 18 14.46 -1.10 15.35
N GLN A 19 14.92 -2.29 15.04
CA GLN A 19 15.63 -3.09 16.05
C GLN A 19 16.86 -2.30 16.51
N ALA A 20 17.60 -1.76 15.54
CA ALA A 20 18.79 -0.99 15.87
C ALA A 20 18.42 0.27 16.70
N LEU A 21 17.31 0.92 16.36
CA LEU A 21 16.85 2.09 17.09
C LEU A 21 16.65 1.79 18.57
N TYR A 22 15.93 0.72 18.84
CA TYR A 22 15.59 0.40 20.20
C TYR A 22 16.81 -0.02 21.03
N SER A 23 17.71 -0.78 20.41
N SER A 23 17.71 -0.78 20.41
CA SER A 23 18.87 -1.30 21.09
CA SER A 23 18.90 -1.28 21.12
C SER A 23 19.90 -0.21 21.42
C SER A 23 19.90 -0.19 21.45
N LYS A 24 20.07 0.73 20.49
CA LYS A 24 21.05 1.78 20.64
C LYS A 24 20.47 3.01 21.31
N GLN A 25 19.18 3.29 21.14
CA GLN A 25 18.57 4.50 21.70
C GLN A 25 17.15 4.29 22.18
N PRO A 26 16.97 3.45 23.20
CA PRO A 26 15.62 3.17 23.69
C PRO A 26 14.81 4.41 24.06
N LYS A 27 15.47 5.43 24.63
CA LYS A 27 14.73 6.64 25.01
C LYS A 27 14.14 7.39 23.81
N LEU A 28 14.62 7.12 22.61
CA LEU A 28 14.00 7.73 21.43
C LEU A 28 12.53 7.28 21.32
N VAL A 29 12.24 6.09 21.83
CA VAL A 29 10.89 5.55 21.80
C VAL A 29 9.90 6.56 22.38
N GLU A 30 10.32 7.30 23.39
CA GLU A 30 9.45 8.31 24.02
C GLU A 30 9.10 9.49 23.12
N ARG A 31 9.90 9.73 22.09
CA ARG A 31 9.65 10.84 21.19
C ARG A 31 8.72 10.36 20.07
N ILE A 32 8.58 9.04 19.96
CA ILE A 32 7.77 8.41 18.91
C ILE A 32 6.38 7.89 19.33
N LEU A 33 6.37 7.08 20.37
CA LEU A 33 5.12 6.49 20.87
C LEU A 33 4.41 7.44 21.84
N THR A 34 3.09 7.43 21.78
CA THR A 34 2.29 8.18 22.74
C THR A 34 2.38 7.47 24.06
N LYS A 35 1.88 8.11 25.12
N LYS A 35 1.89 8.11 25.11
CA LYS A 35 1.87 7.50 26.42
CA LYS A 35 1.87 7.50 26.42
C LYS A 35 1.11 6.17 26.40
C LYS A 35 1.11 6.17 26.40
N ASN A 36 -0.05 6.17 25.75
CA ASN A 36 -0.86 4.95 25.63
C ASN A 36 -0.10 3.85 24.89
N GLU A 37 0.61 4.19 23.82
CA GLU A 37 1.36 3.20 23.06
C GLU A 37 2.54 2.69 23.88
N GLN A 38 3.17 3.58 24.63
CA GLN A 38 4.30 3.24 25.49
C GLN A 38 3.88 2.23 26.55
N HIS A 39 2.68 2.41 27.09
CA HIS A 39 2.14 1.50 28.10
C HIS A 39 2.12 0.09 27.51
N LYS A 40 1.61 -0.04 26.29
CA LYS A 40 1.54 -1.31 25.58
C LYS A 40 2.91 -1.90 25.26
N PHE A 41 3.78 -1.08 24.73
CA PHE A 41 5.15 -1.47 24.38
C PHE A 41 5.93 -1.98 25.59
N ASN A 42 5.73 -1.31 26.72
CA ASN A 42 6.45 -1.67 27.96
C ASN A 42 6.01 -3.01 28.52
N ASN A 43 4.82 -3.48 28.14
CA ASN A 43 4.28 -4.75 28.61
C ASN A 43 4.65 -5.98 27.78
N PHE A 44 5.27 -5.79 26.63
CA PHE A 44 5.67 -6.93 25.82
C PHE A 44 6.80 -7.68 26.53
N THR A 45 6.77 -9.00 26.46
CA THR A 45 7.85 -9.80 27.03
C THR A 45 8.71 -10.44 25.94
N HIS A 46 8.20 -10.49 24.71
CA HIS A 46 8.92 -11.03 23.58
C HIS A 46 9.43 -9.87 22.74
N GLU A 47 10.76 -9.79 22.59
CA GLU A 47 11.38 -8.69 21.87
C GLU A 47 10.95 -8.59 20.40
N GLN A 48 10.77 -9.71 19.73
CA GLN A 48 10.35 -9.68 18.33
C GLN A 48 9.01 -8.95 18.19
N ARG A 49 8.07 -9.24 19.10
CA ARG A 49 6.75 -8.59 19.07
C ARG A 49 6.85 -7.11 19.41
N LYS A 50 7.74 -6.81 20.34
CA LYS A 50 7.98 -5.45 20.74
C LYS A 50 8.49 -4.61 19.54
N ILE A 51 9.44 -5.13 18.79
CA ILE A 51 10.00 -4.41 17.63
C ILE A 51 8.97 -4.30 16.51
N GLU A 52 8.20 -5.36 16.30
N GLU A 52 8.20 -5.36 16.30
CA GLU A 52 7.13 -5.31 15.29
CA GLU A 52 7.13 -5.31 15.30
C GLU A 52 6.12 -4.23 15.61
C GLU A 52 6.12 -4.23 15.61
N PHE A 53 5.77 -4.11 16.89
CA PHE A 53 4.83 -3.09 17.33
C PHE A 53 5.38 -1.70 17.04
N LEU A 54 6.61 -1.47 17.46
CA LEU A 54 7.23 -0.17 17.26
C LEU A 54 7.37 0.17 15.78
N ALA A 55 7.77 -0.81 14.98
CA ALA A 55 7.95 -0.61 13.53
C ALA A 55 6.63 -0.22 12.91
N GLY A 56 5.56 -0.93 13.29
CA GLY A 56 4.23 -0.66 12.78
C GLY A 56 3.70 0.70 13.15
N ARG A 57 3.99 1.12 14.36
CA ARG A 57 3.55 2.43 14.83
C ARG A 57 4.34 3.55 14.19
N PHE A 58 5.63 3.35 14.01
CA PHE A 58 6.45 4.33 13.32
C PHE A 58 5.96 4.54 11.87
N ALA A 59 5.68 3.43 11.18
CA ALA A 59 5.16 3.44 9.83
C ALA A 59 3.82 4.17 9.80
N THR A 60 2.95 3.91 10.77
CA THR A 60 1.65 4.56 10.87
C THR A 60 1.77 6.05 11.06
N LYS A 61 2.68 6.49 11.91
CA LYS A 61 2.82 7.92 12.13
C LYS A 61 3.35 8.67 10.89
N GLU A 62 4.31 8.05 10.22
CA GLU A 62 4.88 8.58 8.97
C GLU A 62 3.77 8.62 7.91
N ALA A 63 2.99 7.56 7.79
CA ALA A 63 1.88 7.53 6.82
C ALA A 63 0.84 8.60 7.13
N PHE A 64 0.50 8.75 8.41
CA PHE A 64 -0.47 9.74 8.84
C PHE A 64 0.03 11.14 8.50
N SER A 65 1.29 11.39 8.79
N SER A 65 1.31 11.40 8.80
CA SER A 65 1.88 12.70 8.55
CA SER A 65 1.89 12.71 8.55
C SER A 65 1.86 13.05 7.07
C SER A 65 1.84 13.05 7.07
N LYS A 66 2.16 12.08 6.22
CA LYS A 66 2.12 12.27 4.76
C LYS A 66 0.69 12.56 4.29
N ALA A 67 -0.28 11.83 4.85
CA ALA A 67 -1.67 12.02 4.51
C ALA A 67 -2.18 13.40 4.93
N LEU A 68 -1.74 13.89 6.07
CA LEU A 68 -2.21 15.15 6.60
C LEU A 68 -1.64 16.29 5.77
N GLY A 69 -0.38 16.16 5.37
CA GLY A 69 0.33 17.21 4.62
C GLY A 69 0.69 18.37 5.54
N THR A 70 1.10 19.52 5.02
CA THR A 70 1.53 20.62 5.91
C THR A 70 0.86 21.98 5.70
N GLY A 71 -0.12 22.06 4.79
CA GLY A 71 -0.82 23.32 4.53
C GLY A 71 -1.42 23.91 5.78
N HIS A 75 0.39 20.80 11.98
CA HIS A 75 1.59 20.05 12.32
C HIS A 75 1.45 19.17 13.57
N VAL A 76 1.88 17.91 13.47
CA VAL A 76 1.62 16.92 14.53
C VAL A 76 2.85 16.12 14.97
N ALA A 77 3.11 16.09 16.28
CA ALA A 77 4.22 15.37 16.90
C ALA A 77 3.84 13.88 16.85
N PHE A 78 4.81 13.02 16.58
CA PHE A 78 4.56 11.58 16.54
C PHE A 78 4.03 11.05 17.85
N ASN A 79 4.53 11.60 18.95
CA ASN A 79 4.08 11.12 20.25
C ASN A 79 2.72 11.71 20.66
N ASP A 80 2.05 12.40 19.74
CA ASP A 80 0.67 12.87 19.94
C ASP A 80 -0.28 12.17 18.96
N ILE A 81 0.20 11.19 18.19
CA ILE A 81 -0.64 10.45 17.19
C ILE A 81 -0.86 9.06 17.81
N ASP A 82 -2.00 8.84 18.45
CA ASP A 82 -2.25 7.59 19.17
C ASP A 82 -2.97 6.60 18.31
N CYS A 83 -2.27 5.57 17.87
CA CYS A 83 -2.90 4.49 17.18
C CYS A 83 -3.24 3.38 18.18
N TYR A 84 -4.53 3.14 18.39
CA TYR A 84 -4.98 2.14 19.34
C TYR A 84 -5.71 1.10 18.54
N ASN A 85 -6.15 0.04 19.17
CA ASN A 85 -6.86 -1.01 18.46
C ASN A 85 -8.21 -1.25 19.06
N ASP A 86 -9.20 -1.50 18.22
CA ASP A 86 -10.54 -1.83 18.68
C ASP A 86 -10.63 -3.27 19.19
N GLU A 87 -11.80 -3.71 19.66
CA GLU A 87 -11.91 -5.01 20.34
C GLU A 87 -11.75 -6.20 19.41
N LEU A 88 -11.69 -5.94 18.12
CA LEU A 88 -11.42 -6.96 17.13
C LEU A 88 -9.97 -6.92 16.62
N GLY A 89 -9.18 -5.94 17.09
CA GLY A 89 -7.79 -5.78 16.64
C GLY A 89 -7.51 -4.70 15.60
N LYS A 90 -8.54 -4.03 15.12
CA LYS A 90 -8.35 -3.06 14.05
C LYS A 90 -7.67 -1.77 14.52
N PRO A 91 -6.56 -1.35 13.88
CA PRO A 91 -5.91 -0.08 14.29
C PRO A 91 -6.78 1.14 13.98
N LYS A 92 -6.77 2.09 14.90
CA LYS A 92 -7.61 3.27 14.80
C LYS A 92 -6.87 4.50 15.27
N ILE A 93 -7.18 5.64 14.67
CA ILE A 93 -6.69 6.94 15.12
C ILE A 93 -7.87 7.91 15.08
N ASP A 94 -8.04 8.71 16.14
CA ASP A 94 -9.07 9.76 16.16
C ASP A 94 -8.34 11.12 16.04
N TYR A 95 -8.80 11.96 15.13
CA TYR A 95 -8.17 13.23 14.85
C TYR A 95 -9.26 14.19 14.42
N GLU A 96 -9.46 15.22 15.23
N GLU A 96 -9.46 15.22 15.23
CA GLU A 96 -10.53 16.20 15.00
CA GLU A 96 -10.48 16.24 14.98
C GLU A 96 -10.53 16.75 13.57
C GLU A 96 -10.51 16.76 13.56
N GLY A 97 -11.70 16.74 12.95
CA GLY A 97 -11.88 17.27 11.61
C GLY A 97 -11.83 16.27 10.49
N PHE A 98 -11.47 15.04 10.81
CA PHE A 98 -11.29 13.99 9.82
C PHE A 98 -11.82 12.65 10.27
N ILE A 99 -12.08 11.80 9.30
CA ILE A 99 -12.32 10.40 9.54
C ILE A 99 -11.00 9.78 9.08
N VAL A 100 -10.33 9.08 9.99
CA VAL A 100 -9.03 8.49 9.70
C VAL A 100 -9.19 6.98 9.47
N HIS A 101 -8.71 6.49 8.32
CA HIS A 101 -8.70 5.06 8.02
C HIS A 101 -7.28 4.60 8.02
N VAL A 102 -7.01 3.51 8.75
CA VAL A 102 -5.66 3.00 8.92
C VAL A 102 -5.62 1.50 8.68
N SER A 103 -4.52 1.02 8.07
CA SER A 103 -4.27 -0.41 7.98
C SER A 103 -2.77 -0.64 8.13
N ILE A 104 -2.43 -1.69 8.88
CA ILE A 104 -1.03 -2.04 9.14
C ILE A 104 -0.82 -3.49 8.73
N SER A 105 0.36 -3.78 8.20
CA SER A 105 0.74 -5.16 7.84
C SER A 105 2.21 -5.37 8.13
N HIS A 106 2.56 -6.60 8.56
N HIS A 106 2.59 -6.59 8.47
CA HIS A 106 3.95 -6.96 8.89
CA HIS A 106 4.01 -6.84 8.63
C HIS A 106 4.35 -8.27 8.27
C HIS A 106 4.36 -8.24 8.25
N THR A 107 5.63 -8.39 7.89
CA THR A 107 6.22 -9.65 7.54
C THR A 107 7.42 -9.77 8.50
N GLU A 108 8.25 -10.78 8.32
CA GLU A 108 9.43 -10.93 9.19
C GLU A 108 10.37 -9.73 9.12
N HIS A 109 10.55 -9.18 7.93
CA HIS A 109 11.53 -8.12 7.72
C HIS A 109 10.99 -6.72 7.49
N TYR A 110 9.69 -6.59 7.23
CA TYR A 110 9.08 -5.30 6.89
C TYR A 110 7.78 -5.02 7.60
N ALA A 111 7.54 -3.74 7.89
CA ALA A 111 6.27 -3.29 8.38
C ALA A 111 5.79 -2.22 7.44
N MET A 112 4.50 -2.18 7.23
CA MET A 112 3.96 -1.10 6.43
C MET A 112 2.66 -0.60 7.04
N SER A 113 2.31 0.63 6.69
CA SER A 113 1.08 1.20 7.11
C SER A 113 0.54 2.09 6.03
N GLN A 114 -0.79 2.13 5.91
N GLN A 114 -0.78 2.12 5.93
CA GLN A 114 -1.43 3.07 5.01
CA GLN A 114 -1.43 3.07 5.02
C GLN A 114 -2.49 3.83 5.80
C GLN A 114 -2.49 3.83 5.81
N VAL A 115 -2.63 5.10 5.46
CA VAL A 115 -3.62 5.97 6.08
C VAL A 115 -4.37 6.73 4.99
N VAL A 116 -5.67 6.80 5.16
CA VAL A 116 -6.49 7.68 4.28
C VAL A 116 -7.24 8.61 5.22
N LEU A 117 -7.16 9.92 4.95
CA LEU A 117 -7.90 10.91 5.70
C LEU A 117 -9.05 11.40 4.85
N GLU A 118 -10.25 11.25 5.38
CA GLU A 118 -11.47 11.65 4.70
C GLU A 118 -12.03 12.85 5.48
N LYS A 119 -12.64 13.80 4.79
CA LYS A 119 -13.12 15.05 5.44
C LYS A 119 -14.44 14.78 6.19
N SER A 120 -14.55 15.29 7.42
CA SER A 120 -15.74 15.02 8.23
C SER A 120 -16.89 15.93 7.83
N ALA A 121 -18.11 15.41 7.94
CA ALA A 121 -19.34 16.17 7.71
C ALA A 121 -20.50 15.67 8.53
N PHE A 122 -20.77 14.37 8.40
CA PHE A 122 -21.84 13.71 9.13
C PHE A 122 -21.57 12.20 9.25
N SER B 1 -25.67 12.30 -4.75
CA SER B 1 -25.10 11.08 -4.12
C SER B 1 -24.40 11.38 -2.79
N ASN B 2 -24.18 10.32 -2.01
CA ASN B 2 -23.63 10.44 -0.68
C ASN B 2 -22.64 9.31 -0.37
N ALA B 3 -21.63 9.14 -1.21
CA ALA B 3 -20.62 8.10 -1.01
C ALA B 3 -19.73 8.39 0.20
N MET B 4 -19.16 7.35 0.78
CA MET B 4 -18.25 7.50 1.89
C MET B 4 -17.30 6.27 1.93
N ILE B 5 -16.13 6.39 2.54
CA ILE B 5 -15.22 5.23 2.67
C ILE B 5 -15.63 4.44 3.89
N HIS B 6 -15.86 3.14 3.70
CA HIS B 6 -16.20 2.27 4.80
C HIS B 6 -14.96 1.81 5.55
N GLY B 7 -13.92 1.42 4.83
CA GLY B 7 -12.71 0.91 5.47
C GLY B 7 -11.67 0.60 4.46
N ILE B 8 -10.44 0.49 4.95
CA ILE B 8 -9.30 0.16 4.06
C ILE B 8 -8.51 -1.00 4.67
N GLY B 9 -7.80 -1.68 3.79
CA GLY B 9 -6.94 -2.76 4.21
C GLY B 9 -5.73 -2.88 3.31
N VAL B 10 -4.61 -3.26 3.92
CA VAL B 10 -3.39 -3.53 3.20
C VAL B 10 -2.75 -4.79 3.77
N ASP B 11 -2.07 -5.53 2.91
CA ASP B 11 -1.34 -6.71 3.36
C ASP B 11 -0.14 -6.96 2.46
N LEU B 12 0.97 -7.27 3.12
CA LEU B 12 2.22 -7.61 2.50
C LEU B 12 2.55 -9.05 2.87
N ILE B 13 2.92 -9.86 1.88
CA ILE B 13 3.22 -11.28 2.06
C ILE B 13 4.60 -11.62 1.47
N GLU B 14 5.41 -12.31 2.26
CA GLU B 14 6.72 -12.78 1.82
C GLU B 14 6.53 -14.09 1.04
N ILE B 15 6.83 -14.04 -0.25
CA ILE B 15 6.59 -15.14 -1.15
C ILE B 15 7.31 -16.42 -0.70
N ASP B 16 8.57 -16.30 -0.25
CA ASP B 16 9.32 -17.46 0.25
C ASP B 16 8.60 -18.21 1.36
N ARG B 17 7.91 -17.49 2.24
CA ARG B 17 7.17 -18.11 3.32
C ARG B 17 6.04 -18.97 2.75
N ILE B 18 5.34 -18.45 1.73
CA ILE B 18 4.29 -19.17 1.07
C ILE B 18 4.87 -20.38 0.32
N GLN B 19 6.04 -20.22 -0.29
CA GLN B 19 6.72 -21.34 -0.94
C GLN B 19 6.94 -22.47 0.07
N ALA B 20 7.46 -22.12 1.24
CA ALA B 20 7.70 -23.12 2.28
C ALA B 20 6.43 -23.80 2.76
N LEU B 21 5.38 -23.04 2.93
CA LEU B 21 4.12 -23.56 3.41
C LEU B 21 3.50 -24.52 2.37
N TYR B 22 3.59 -24.15 1.10
CA TYR B 22 3.02 -24.96 0.04
C TYR B 22 3.78 -26.27 -0.15
N SER B 23 5.11 -26.25 0.00
CA SER B 23 5.91 -27.48 -0.11
C SER B 23 5.56 -28.44 1.00
N LYS B 24 5.28 -27.90 2.19
CA LYS B 24 4.95 -28.70 3.37
C LYS B 24 3.50 -29.22 3.44
N GLN B 25 2.54 -28.39 3.04
CA GLN B 25 1.11 -28.72 3.16
C GLN B 25 0.28 -28.12 2.04
N PRO B 26 0.52 -28.60 0.80
CA PRO B 26 -0.14 -28.01 -0.37
C PRO B 26 -1.66 -27.98 -0.29
N LYS B 27 -2.28 -29.03 0.23
CA LYS B 27 -3.76 -29.09 0.27
C LYS B 27 -4.36 -28.13 1.27
N LEU B 28 -3.70 -28.02 2.42
CA LEU B 28 -4.14 -27.10 3.45
C LEU B 28 -4.01 -25.64 2.92
N VAL B 29 -2.95 -25.37 2.19
CA VAL B 29 -2.80 -24.02 1.63
C VAL B 29 -3.90 -23.71 0.60
N GLU B 30 -4.20 -24.67 -0.27
CA GLU B 30 -5.22 -24.50 -1.30
C GLU B 30 -6.65 -24.28 -0.78
N ARG B 31 -6.89 -24.61 0.49
CA ARG B 31 -8.23 -24.38 1.07
C ARG B 31 -8.67 -22.92 1.15
N ILE B 32 -7.75 -21.99 0.91
CA ILE B 32 -8.11 -20.59 0.91
C ILE B 32 -8.80 -20.24 -0.41
N LEU B 33 -8.75 -21.12 -1.40
CA LEU B 33 -9.26 -20.78 -2.72
C LEU B 33 -10.72 -21.14 -2.91
N THR B 34 -11.45 -20.27 -3.62
CA THR B 34 -12.82 -20.55 -4.00
C THR B 34 -12.82 -21.60 -5.12
N LYS B 35 -13.99 -22.10 -5.51
CA LYS B 35 -14.02 -23.07 -6.62
C LYS B 35 -13.42 -22.48 -7.89
N ASN B 36 -13.82 -21.26 -8.22
CA ASN B 36 -13.27 -20.59 -9.41
C ASN B 36 -11.77 -20.40 -9.33
N GLU B 37 -11.27 -19.98 -8.18
CA GLU B 37 -9.82 -19.80 -8.01
C GLU B 37 -9.09 -21.12 -8.09
N GLN B 38 -9.68 -22.17 -7.51
CA GLN B 38 -9.10 -23.51 -7.60
C GLN B 38 -9.01 -24.02 -9.04
N HIS B 39 -10.04 -23.72 -9.84
CA HIS B 39 -10.06 -24.13 -11.23
C HIS B 39 -8.89 -23.49 -11.98
N LYS B 40 -8.68 -22.20 -11.74
CA LYS B 40 -7.58 -21.46 -12.32
C LYS B 40 -6.23 -22.04 -11.85
N PHE B 41 -6.10 -22.25 -10.55
CA PHE B 41 -4.87 -22.79 -9.99
C PHE B 41 -4.51 -24.15 -10.57
N ASN B 42 -5.51 -25.01 -10.79
CA ASN B 42 -5.29 -26.35 -11.32
C ASN B 42 -4.78 -26.39 -12.75
N ASN B 43 -4.92 -25.27 -13.49
CA ASN B 43 -4.40 -25.19 -14.86
C ASN B 43 -2.94 -24.75 -14.96
N PHE B 44 -2.35 -24.28 -13.86
CA PHE B 44 -0.94 -23.86 -13.87
C PHE B 44 -0.02 -25.07 -13.94
N THR B 45 1.10 -24.90 -14.60
CA THR B 45 2.10 -25.94 -14.67
C THR B 45 3.32 -25.67 -13.79
N HIS B 46 3.66 -24.40 -13.63
CA HIS B 46 4.92 -24.04 -12.99
C HIS B 46 4.78 -23.64 -11.55
N GLU B 47 5.67 -24.14 -10.71
N GLU B 47 5.68 -24.12 -10.71
CA GLU B 47 5.62 -23.84 -9.29
CA GLU B 47 5.63 -23.81 -9.28
C GLU B 47 5.74 -22.34 -8.99
C GLU B 47 5.71 -22.33 -9.00
N GLN B 48 6.58 -21.62 -9.71
CA GLN B 48 6.74 -20.18 -9.47
C GLN B 48 5.39 -19.46 -9.61
N ARG B 49 4.64 -19.81 -10.66
CA ARG B 49 3.33 -19.17 -10.89
C ARG B 49 2.36 -19.55 -9.78
N LYS B 50 2.41 -20.81 -9.37
CA LYS B 50 1.53 -21.31 -8.31
C LYS B 50 1.72 -20.56 -7.02
N ILE B 51 2.98 -20.34 -6.65
CA ILE B 51 3.28 -19.66 -5.41
C ILE B 51 2.92 -18.17 -5.48
N GLU B 52 3.18 -17.54 -6.61
CA GLU B 52 2.80 -16.15 -6.80
C GLU B 52 1.30 -15.99 -6.68
N PHE B 53 0.56 -16.91 -7.29
CA PHE B 53 -0.89 -16.86 -7.25
C PHE B 53 -1.37 -16.97 -5.80
N LEU B 54 -0.86 -17.96 -5.08
CA LEU B 54 -1.27 -18.17 -3.69
C LEU B 54 -0.90 -16.99 -2.82
N ALA B 55 0.31 -16.50 -2.97
CA ALA B 55 0.77 -15.36 -2.14
C ALA B 55 -0.12 -14.16 -2.39
N GLY B 56 -0.42 -13.90 -3.65
CA GLY B 56 -1.30 -12.78 -4.02
C GLY B 56 -2.68 -12.92 -3.46
N ARG B 57 -3.20 -14.16 -3.45
CA ARG B 57 -4.54 -14.37 -2.89
C ARG B 57 -4.56 -14.21 -1.37
N PHE B 58 -3.50 -14.68 -0.70
CA PHE B 58 -3.40 -14.49 0.75
C PHE B 58 -3.44 -12.99 1.06
N ALA B 59 -2.68 -12.22 0.30
CA ALA B 59 -2.60 -10.80 0.55
C ALA B 59 -3.92 -10.08 0.31
N THR B 60 -4.59 -10.42 -0.79
CA THR B 60 -5.85 -9.76 -1.14
C THR B 60 -6.95 -10.12 -0.17
N LYS B 61 -7.06 -11.41 0.15
CA LYS B 61 -8.11 -11.89 1.04
C LYS B 61 -7.96 -11.28 2.44
N GLU B 62 -6.73 -11.19 2.91
CA GLU B 62 -6.48 -10.53 4.21
C GLU B 62 -6.77 -9.03 4.17
N ALA B 63 -6.33 -8.33 3.12
CA ALA B 63 -6.61 -6.90 2.99
C ALA B 63 -8.12 -6.67 2.96
N PHE B 64 -8.84 -7.53 2.24
CA PHE B 64 -10.30 -7.37 2.17
C PHE B 64 -10.95 -7.58 3.53
N SER B 65 -10.52 -8.62 4.24
N SER B 65 -10.51 -8.63 4.24
CA SER B 65 -11.07 -8.94 5.57
CA SER B 65 -11.06 -8.94 5.57
C SER B 65 -10.82 -7.77 6.54
C SER B 65 -10.83 -7.78 6.53
N LYS B 66 -9.65 -7.19 6.46
CA LYS B 66 -9.30 -6.03 7.30
C LYS B 66 -10.15 -4.82 6.96
N ALA B 67 -10.39 -4.59 5.67
CA ALA B 67 -11.18 -3.43 5.24
C ALA B 67 -12.63 -3.52 5.69
N LEU B 68 -13.15 -4.75 5.69
CA LEU B 68 -14.55 -4.94 6.01
C LEU B 68 -14.76 -4.69 7.47
N GLY B 69 -13.77 -5.13 8.25
CA GLY B 69 -13.84 -5.04 9.66
C GLY B 69 -14.99 -5.93 10.08
N THR B 70 -15.81 -5.37 10.96
CA THR B 70 -16.95 -6.09 11.58
C THR B 70 -16.55 -7.50 12.00
N GLY B 71 -17.23 -8.06 12.99
CA GLY B 71 -16.97 -9.44 13.38
C GLY B 71 -17.23 -10.36 12.17
N LEU B 72 -18.28 -10.01 11.43
CA LEU B 72 -18.71 -10.76 10.25
C LEU B 72 -17.54 -10.90 9.27
N GLY B 73 -16.94 -9.76 8.92
CA GLY B 73 -15.84 -9.70 7.97
C GLY B 73 -14.49 -10.17 8.47
N LYS B 74 -14.23 -9.94 9.75
CA LYS B 74 -13.02 -10.43 10.38
C LYS B 74 -13.01 -11.95 10.28
N HIS B 75 -14.19 -12.55 10.31
CA HIS B 75 -14.35 -13.99 10.31
C HIS B 75 -14.95 -14.59 9.06
N VAL B 76 -14.83 -13.85 7.96
CA VAL B 76 -15.24 -14.35 6.64
C VAL B 76 -14.32 -15.51 6.27
N ALA B 77 -14.84 -16.51 5.57
CA ALA B 77 -13.97 -17.58 5.17
C ALA B 77 -13.23 -17.09 3.90
N PHE B 78 -11.93 -17.39 3.84
CA PHE B 78 -11.13 -17.01 2.65
C PHE B 78 -11.67 -17.70 1.40
N ASN B 79 -12.21 -18.90 1.52
CA ASN B 79 -12.75 -19.59 0.36
C ASN B 79 -14.14 -19.11 -0.04
N ASP B 80 -14.61 -18.04 0.61
CA ASP B 80 -15.82 -17.35 0.19
C ASP B 80 -15.50 -15.95 -0.36
N ILE B 81 -14.22 -15.63 -0.54
CA ILE B 81 -13.81 -14.34 -1.11
C ILE B 81 -13.29 -14.63 -2.49
N ASP B 82 -14.11 -14.43 -3.52
CA ASP B 82 -13.69 -14.80 -4.88
C ASP B 82 -13.03 -13.63 -5.61
N CYS B 83 -11.70 -13.62 -5.65
N CYS B 83 -11.71 -13.64 -5.65
CA CYS B 83 -10.98 -12.55 -6.34
CA CYS B 83 -10.96 -12.61 -6.33
C CYS B 83 -10.79 -12.95 -7.79
C CYS B 83 -10.82 -12.98 -7.80
N TYR B 84 -11.03 -11.99 -8.68
CA TYR B 84 -10.88 -12.20 -10.10
C TYR B 84 -10.38 -10.96 -10.77
N ASN B 85 -9.96 -11.07 -12.02
CA ASN B 85 -9.60 -9.86 -12.74
C ASN B 85 -10.64 -9.62 -13.80
N ASP B 86 -11.02 -8.35 -14.00
CA ASP B 86 -11.94 -8.02 -15.04
C ASP B 86 -11.29 -8.09 -16.41
N GLU B 87 -12.03 -7.78 -17.48
CA GLU B 87 -11.49 -7.96 -18.82
C GLU B 87 -10.36 -7.03 -19.18
N LEU B 88 -10.14 -6.03 -18.31
CA LEU B 88 -9.04 -5.05 -18.45
C LEU B 88 -7.92 -5.30 -17.47
N GLY B 89 -7.99 -6.42 -16.77
CA GLY B 89 -6.93 -6.77 -15.85
C GLY B 89 -7.07 -6.17 -14.46
N LYS B 90 -8.16 -5.46 -14.19
CA LYS B 90 -8.34 -4.85 -12.86
C LYS B 90 -8.80 -5.91 -11.85
N PRO B 91 -8.07 -6.11 -10.73
CA PRO B 91 -8.56 -7.09 -9.73
C PRO B 91 -9.86 -6.63 -9.09
N LYS B 92 -10.73 -7.58 -8.79
CA LYS B 92 -12.06 -7.29 -8.23
C LYS B 92 -12.50 -8.34 -7.24
N ILE B 93 -13.40 -7.90 -6.36
CA ILE B 93 -14.07 -8.76 -5.40
C ILE B 93 -15.48 -8.21 -5.33
N ASP B 94 -16.49 -9.06 -5.45
CA ASP B 94 -17.88 -8.64 -5.33
C ASP B 94 -18.33 -8.84 -3.89
N TYR B 95 -18.97 -7.82 -3.31
CA TYR B 95 -19.47 -7.93 -1.98
C TYR B 95 -20.69 -7.01 -1.88
N GLU B 96 -21.84 -7.62 -1.65
CA GLU B 96 -23.11 -6.90 -1.63
C GLU B 96 -23.11 -5.72 -0.64
N GLY B 97 -23.54 -4.57 -1.11
CA GLY B 97 -23.67 -3.36 -0.28
C GLY B 97 -22.51 -2.39 -0.38
N PHE B 98 -21.43 -2.81 -1.05
CA PHE B 98 -20.21 -2.02 -1.15
C PHE B 98 -19.69 -1.96 -2.55
N ILE B 99 -18.90 -0.93 -2.82
CA ILE B 99 -18.12 -0.89 -4.04
C ILE B 99 -16.75 -1.22 -3.53
N VAL B 100 -16.18 -2.30 -4.06
CA VAL B 100 -14.89 -2.77 -3.59
C VAL B 100 -13.82 -2.37 -4.58
N HIS B 101 -12.79 -1.67 -4.11
CA HIS B 101 -11.66 -1.29 -4.95
C HIS B 101 -10.48 -2.12 -4.51
N VAL B 102 -9.78 -2.74 -5.46
CA VAL B 102 -8.64 -3.57 -5.13
C VAL B 102 -7.47 -3.18 -6.01
N SER B 103 -6.27 -3.29 -5.48
N SER B 103 -6.27 -3.28 -5.46
CA SER B 103 -5.07 -3.20 -6.32
CA SER B 103 -5.02 -3.11 -6.21
C SER B 103 -4.02 -4.16 -5.78
C SER B 103 -4.02 -4.17 -5.75
N ILE B 104 -3.28 -4.75 -6.69
CA ILE B 104 -2.27 -5.76 -6.38
C ILE B 104 -0.92 -5.42 -7.02
N SER B 105 0.14 -5.94 -6.44
CA SER B 105 1.48 -5.84 -6.97
C SER B 105 2.32 -6.99 -6.43
N HIS B 106 3.32 -7.41 -7.22
CA HIS B 106 4.27 -8.35 -6.68
C HIS B 106 5.64 -8.16 -7.27
N THR B 107 6.63 -8.59 -6.52
CA THR B 107 8.01 -8.61 -6.95
C THR B 107 8.44 -10.05 -6.82
N GLU B 108 9.73 -10.30 -6.98
CA GLU B 108 10.23 -11.65 -6.82
C GLU B 108 9.97 -12.22 -5.42
N HIS B 109 10.11 -11.40 -4.38
CA HIS B 109 10.01 -11.87 -3.02
C HIS B 109 8.80 -11.46 -2.22
N TYR B 110 8.00 -10.53 -2.76
CA TYR B 110 6.84 -9.99 -2.01
C TYR B 110 5.61 -9.81 -2.85
N ALA B 111 4.45 -10.06 -2.25
CA ALA B 111 3.18 -9.76 -2.87
C ALA B 111 2.46 -8.78 -1.96
N MET B 112 1.78 -7.78 -2.54
N MET B 112 1.78 -7.80 -2.54
CA MET B 112 1.07 -6.78 -1.73
CA MET B 112 1.00 -6.90 -1.70
C MET B 112 -0.27 -6.48 -2.37
C MET B 112 -0.29 -6.56 -2.36
N SER B 113 -1.28 -6.27 -1.54
CA SER B 113 -2.59 -5.95 -2.00
C SER B 113 -3.16 -4.86 -1.13
N GLN B 114 -3.96 -4.00 -1.73
N GLN B 114 -3.97 -4.01 -1.74
CA GLN B 114 -4.68 -3.01 -0.97
CA GLN B 114 -4.67 -2.97 -1.02
C GLN B 114 -6.15 -3.05 -1.39
C GLN B 114 -6.14 -3.05 -1.40
N VAL B 115 -7.02 -2.79 -0.43
CA VAL B 115 -8.44 -2.76 -0.66
C VAL B 115 -9.03 -1.51 -0.04
N VAL B 116 -9.92 -0.86 -0.76
CA VAL B 116 -10.71 0.22 -0.21
C VAL B 116 -12.19 -0.10 -0.43
N LEU B 117 -12.99 -0.08 0.62
CA LEU B 117 -14.43 -0.32 0.50
C LEU B 117 -15.13 1.00 0.61
N GLU B 118 -16.01 1.30 -0.34
CA GLU B 118 -16.85 2.49 -0.23
C GLU B 118 -18.31 2.04 -0.21
N LYS B 119 -19.15 2.91 0.33
CA LYS B 119 -20.57 2.69 0.60
C LYS B 119 -21.35 3.95 0.32
N SER B 120 -22.63 3.81 0.03
CA SER B 120 -23.52 4.97 0.07
C SER B 120 -23.80 5.22 1.54
N ALA B 121 -23.84 6.48 1.98
CA ALA B 121 -24.07 6.77 3.41
C ALA B 121 -25.47 6.35 3.84
N PHE B 122 -26.41 6.42 2.89
CA PHE B 122 -27.79 6.03 3.12
C PHE B 122 -28.51 5.89 1.78
N ASN C 2 -22.26 6.18 -8.96
CA ASN C 2 -22.21 7.12 -7.79
C ASN C 2 -21.00 6.89 -6.87
N ALA C 3 -19.99 6.16 -7.34
CA ALA C 3 -18.78 5.93 -6.58
C ALA C 3 -18.02 7.25 -6.42
N MET C 4 -17.26 7.38 -5.34
CA MET C 4 -16.44 8.56 -5.13
C MET C 4 -15.04 8.25 -5.60
N ILE C 5 -14.69 6.97 -5.60
CA ILE C 5 -13.38 6.52 -6.08
C ILE C 5 -13.46 5.83 -7.43
N HIS C 6 -12.69 6.36 -8.37
CA HIS C 6 -12.63 5.83 -9.73
C HIS C 6 -11.76 4.59 -9.81
N GLY C 7 -10.64 4.59 -9.10
CA GLY C 7 -9.76 3.41 -9.07
C GLY C 7 -8.59 3.66 -8.14
N ILE C 8 -8.00 2.56 -7.70
CA ILE C 8 -6.80 2.62 -6.87
C ILE C 8 -5.71 1.76 -7.49
N GLY C 9 -4.48 2.11 -7.17
CA GLY C 9 -3.35 1.35 -7.63
C GLY C 9 -2.23 1.34 -6.64
N VAL C 10 -1.49 0.25 -6.65
CA VAL C 10 -0.35 0.12 -5.78
C VAL C 10 0.76 -0.55 -6.56
N ASP C 11 2.00 -0.20 -6.27
CA ASP C 11 3.11 -0.91 -6.89
C ASP C 11 4.33 -0.94 -5.99
N LEU C 12 4.97 -2.11 -5.96
CA LEU C 12 6.17 -2.35 -5.21
C LEU C 12 7.25 -2.72 -6.21
N ILE C 13 8.41 -2.09 -6.06
CA ILE C 13 9.55 -2.22 -6.94
C ILE C 13 10.83 -2.53 -6.16
N GLU C 14 11.56 -3.52 -6.63
N GLU C 14 11.56 -3.52 -6.63
CA GLU C 14 12.85 -3.88 -6.05
CA GLU C 14 12.83 -3.90 -6.01
C GLU C 14 13.90 -2.96 -6.65
C GLU C 14 13.90 -3.01 -6.63
N ILE C 15 14.51 -2.15 -5.81
CA ILE C 15 15.51 -1.19 -6.26
C ILE C 15 16.67 -1.84 -7.01
N ASP C 16 17.15 -2.98 -6.52
CA ASP C 16 18.27 -3.68 -7.17
C ASP C 16 17.97 -4.04 -8.62
N ARG C 17 16.71 -4.36 -8.92
CA ARG C 17 16.33 -4.69 -10.28
C ARG C 17 16.44 -3.47 -11.17
N ILE C 18 16.05 -2.33 -10.64
CA ILE C 18 16.18 -1.05 -11.36
C ILE C 18 17.67 -0.69 -11.52
N GLN C 19 18.47 -0.94 -10.51
CA GLN C 19 19.90 -0.70 -10.61
C GLN C 19 20.42 -1.51 -11.81
N ALA C 20 20.05 -2.78 -11.87
CA ALA C 20 20.54 -3.66 -12.95
C ALA C 20 20.10 -3.20 -14.33
N LEU C 21 18.85 -2.80 -14.41
CA LEU C 21 18.28 -2.35 -15.65
C LEU C 21 18.98 -1.09 -16.13
N TYR C 22 19.24 -0.14 -15.22
CA TYR C 22 19.86 1.13 -15.56
C TYR C 22 21.29 0.91 -16.04
N SER C 23 22.01 0.00 -15.39
CA SER C 23 23.40 -0.28 -15.78
C SER C 23 23.46 -0.90 -17.19
N LYS C 24 22.48 -1.73 -17.50
CA LYS C 24 22.42 -2.43 -18.79
C LYS C 24 21.83 -1.62 -19.98
N GLN C 25 20.81 -0.82 -19.70
N GLN C 25 20.78 -0.85 -19.70
CA GLN C 25 20.13 -0.04 -20.73
CA GLN C 25 20.09 -0.06 -20.72
C GLN C 25 19.70 1.33 -20.22
C GLN C 25 19.69 1.30 -20.16
N PRO C 26 20.68 2.18 -19.88
CA PRO C 26 20.35 3.48 -19.28
C PRO C 26 19.40 4.34 -20.10
N LYS C 27 19.54 4.34 -21.43
CA LYS C 27 18.71 5.20 -22.27
C LYS C 27 17.28 4.72 -22.31
N LEU C 28 17.10 3.42 -22.38
CA LEU C 28 15.78 2.83 -22.41
C LEU C 28 15.09 3.13 -21.09
N VAL C 29 15.84 3.06 -19.99
CA VAL C 29 15.26 3.32 -18.72
C VAL C 29 14.85 4.77 -18.62
N GLU C 30 15.73 5.70 -19.03
CA GLU C 30 15.40 7.13 -18.91
C GLU C 30 14.20 7.54 -19.81
N ARG C 31 13.84 6.73 -20.81
CA ARG C 31 12.68 7.02 -21.64
C ARG C 31 11.37 6.93 -20.89
N ILE C 32 11.36 6.40 -19.67
CA ILE C 32 10.12 6.40 -18.88
C ILE C 32 9.86 7.79 -18.35
N LEU C 33 10.85 8.67 -18.40
CA LEU C 33 10.69 10.00 -17.83
C LEU C 33 10.17 11.03 -18.79
N THR C 34 9.29 11.90 -18.30
CA THR C 34 8.84 13.04 -19.07
C THR C 34 10.01 14.03 -19.19
N LYS C 35 9.87 15.04 -20.04
CA LYS C 35 10.95 16.07 -20.14
C LYS C 35 11.19 16.74 -18.78
N ASN C 36 10.11 17.08 -18.08
CA ASN C 36 10.23 17.69 -16.75
C ASN C 36 10.96 16.79 -15.77
N GLU C 37 10.63 15.50 -15.78
CA GLU C 37 11.32 14.55 -14.91
C GLU C 37 12.79 14.39 -15.29
N GLN C 38 13.06 14.37 -16.58
N GLN C 38 13.08 14.38 -16.58
CA GLN C 38 14.42 14.28 -17.09
CA GLN C 38 14.46 14.28 -17.04
C GLN C 38 15.27 15.45 -16.62
C GLN C 38 15.27 15.44 -16.53
N HIS C 39 14.67 16.64 -16.54
CA HIS C 39 15.37 17.83 -16.04
C HIS C 39 15.82 17.67 -14.60
N LYS C 40 14.96 17.09 -13.79
CA LYS C 40 15.29 16.77 -12.41
C LYS C 40 16.41 15.73 -12.33
N PHE C 41 16.26 14.67 -13.10
CA PHE C 41 17.19 13.57 -13.08
C PHE C 41 18.60 14.05 -13.47
N ASN C 42 18.67 14.93 -14.46
CA ASN C 42 19.93 15.38 -14.99
C ASN C 42 20.72 16.21 -14.00
N ASN C 43 20.04 16.73 -12.96
CA ASN C 43 20.71 17.54 -11.92
C ASN C 43 21.27 16.73 -10.78
N PHE C 44 20.95 15.45 -10.72
CA PHE C 44 21.46 14.60 -9.64
C PHE C 44 22.91 14.25 -9.87
N THR C 45 23.68 14.21 -8.79
CA THR C 45 25.10 13.86 -8.88
C THR C 45 25.45 12.54 -8.20
N HIS C 46 24.52 11.99 -7.40
CA HIS C 46 24.76 10.70 -6.73
C HIS C 46 23.99 9.56 -7.36
N GLU C 47 24.67 8.45 -7.61
CA GLU C 47 24.03 7.28 -8.21
C GLU C 47 22.88 6.75 -7.36
N GLN C 48 23.06 6.75 -6.04
CA GLN C 48 22.01 6.20 -5.19
C GLN C 48 20.71 6.99 -5.39
N ARG C 49 20.81 8.32 -5.46
CA ARG C 49 19.67 9.18 -5.66
C ARG C 49 19.05 8.93 -7.02
N LYS C 50 19.88 8.73 -8.02
CA LYS C 50 19.40 8.44 -9.37
C LYS C 50 18.55 7.19 -9.44
N ILE C 51 19.06 6.12 -8.85
CA ILE C 51 18.32 4.86 -8.88
C ILE C 51 17.02 4.96 -8.05
N GLU C 52 17.09 5.60 -6.89
N GLU C 52 17.10 5.64 -6.90
CA GLU C 52 15.89 5.78 -6.07
CA GLU C 52 15.93 5.91 -6.03
C GLU C 52 14.83 6.58 -6.83
C GLU C 52 14.83 6.61 -6.82
N PHE C 53 15.26 7.63 -7.55
CA PHE C 53 14.34 8.45 -8.34
C PHE C 53 13.69 7.59 -9.41
N LEU C 54 14.50 6.84 -10.15
CA LEU C 54 13.95 5.99 -11.20
C LEU C 54 13.01 4.93 -10.64
N ALA C 55 13.40 4.29 -9.55
CA ALA C 55 12.57 3.24 -8.95
C ALA C 55 11.25 3.82 -8.47
N GLY C 56 11.31 4.99 -7.85
CA GLY C 56 10.11 5.66 -7.39
C GLY C 56 9.20 6.04 -8.55
N ARG C 57 9.77 6.50 -9.66
CA ARG C 57 8.97 6.84 -10.81
C ARG C 57 8.35 5.61 -11.46
N PHE C 58 9.09 4.52 -11.55
CA PHE C 58 8.53 3.23 -12.06
C PHE C 58 7.32 2.85 -11.22
N ALA C 59 7.49 2.89 -9.91
CA ALA C 59 6.42 2.49 -9.00
C ALA C 59 5.20 3.39 -9.13
N THR C 60 5.43 4.69 -9.12
CA THR C 60 4.36 5.65 -9.20
C THR C 60 3.60 5.58 -10.54
N LYS C 61 4.33 5.49 -11.64
CA LYS C 61 3.73 5.40 -12.96
C LYS C 61 2.92 4.12 -13.11
N GLU C 62 3.44 3.02 -12.60
CA GLU C 62 2.72 1.73 -12.61
C GLU C 62 1.46 1.78 -11.73
N ALA C 63 1.57 2.36 -10.54
CA ALA C 63 0.41 2.50 -9.65
C ALA C 63 -0.65 3.36 -10.31
N PHE C 64 -0.24 4.45 -10.93
CA PHE C 64 -1.19 5.32 -11.59
C PHE C 64 -1.90 4.57 -12.74
N SER C 65 -1.12 3.83 -13.54
N SER C 65 -1.12 3.83 -13.54
CA SER C 65 -1.68 3.08 -14.68
CA SER C 65 -1.66 3.05 -14.66
C SER C 65 -2.73 2.09 -14.18
C SER C 65 -2.71 2.05 -14.19
N LYS C 66 -2.43 1.41 -13.07
CA LYS C 66 -3.38 0.47 -12.51
C LYS C 66 -4.65 1.12 -12.01
N ALA C 67 -4.50 2.31 -11.44
CA ALA C 67 -5.65 3.03 -10.93
C ALA C 67 -6.57 3.44 -12.08
N LEU C 68 -6.02 3.73 -13.24
CA LEU C 68 -6.89 4.01 -14.43
C LEU C 68 -7.84 2.88 -14.81
N GLY C 69 -7.43 1.63 -14.64
CA GLY C 69 -8.31 0.47 -14.87
C GLY C 69 -8.69 0.25 -16.32
N THR C 70 -7.82 0.74 -17.22
CA THR C 70 -8.13 0.71 -18.65
C THR C 70 -7.48 -0.46 -19.35
N GLY C 71 -6.65 -1.24 -18.66
CA GLY C 71 -6.04 -2.42 -19.32
C GLY C 71 -5.27 -2.03 -20.56
N LEU C 72 -5.42 -2.80 -21.65
CA LEU C 72 -4.78 -2.47 -22.93
C LEU C 72 -5.73 -1.65 -23.86
N GLY C 73 -6.81 -1.10 -23.30
CA GLY C 73 -7.83 -0.38 -24.06
C GLY C 73 -7.47 1.02 -24.50
N LYS C 74 -6.65 1.71 -23.72
CA LYS C 74 -6.16 3.02 -24.09
C LYS C 74 -4.67 2.99 -23.86
N HIS C 75 -3.90 3.43 -24.84
CA HIS C 75 -2.47 3.42 -24.65
C HIS C 75 -1.99 4.68 -23.90
N VAL C 76 -1.29 4.51 -22.79
CA VAL C 76 -0.68 5.62 -22.07
C VAL C 76 0.81 5.32 -21.90
N ALA C 77 1.62 6.21 -22.42
CA ALA C 77 3.04 6.04 -22.33
C ALA C 77 3.53 6.50 -20.92
N PHE C 78 4.53 5.82 -20.35
CA PHE C 78 5.08 6.27 -19.04
C PHE C 78 5.62 7.68 -19.18
N ASN C 79 6.13 8.03 -20.36
CA ASN C 79 6.67 9.37 -20.55
C ASN C 79 5.58 10.43 -20.77
N ASP C 80 4.32 10.03 -20.63
CA ASP C 80 3.19 10.95 -20.61
C ASP C 80 2.53 11.05 -19.21
N ILE C 81 3.16 10.46 -18.20
CA ILE C 81 2.67 10.54 -16.83
C ILE C 81 3.69 11.38 -16.08
N ASP C 82 3.40 12.65 -15.88
CA ASP C 82 4.38 13.57 -15.28
C ASP C 82 4.16 13.65 -13.76
N CYS C 83 5.03 13.00 -13.01
N CYS C 83 5.04 12.99 -13.03
CA CYS C 83 4.97 13.07 -11.57
CA CYS C 83 5.00 12.99 -11.59
C CYS C 83 5.83 14.22 -11.13
C CYS C 83 5.81 14.22 -11.18
N TYR C 84 5.26 15.07 -10.32
CA TYR C 84 5.97 16.28 -9.92
C TYR C 84 5.77 16.50 -8.44
N ASN C 85 6.36 17.56 -7.90
CA ASN C 85 6.16 17.79 -6.47
C ASN C 85 5.47 19.06 -6.24
N ASP C 86 4.70 19.10 -5.17
CA ASP C 86 4.22 20.39 -4.72
C ASP C 86 5.43 21.13 -4.14
N GLU C 87 5.25 22.36 -3.69
CA GLU C 87 6.40 23.17 -3.27
C GLU C 87 7.11 22.70 -2.01
N LEU C 88 6.53 21.72 -1.31
CA LEU C 88 7.14 21.11 -0.13
C LEU C 88 7.65 19.70 -0.40
N GLY C 89 7.45 19.20 -1.63
CA GLY C 89 7.87 17.85 -2.00
C GLY C 89 6.82 16.75 -1.98
N LYS C 90 5.54 17.07 -1.72
CA LYS C 90 4.49 16.02 -1.74
C LYS C 90 4.29 15.59 -3.22
N PRO C 91 4.41 14.28 -3.52
CA PRO C 91 4.23 13.88 -4.92
C PRO C 91 2.83 14.11 -5.49
N LYS C 92 2.79 14.49 -6.77
CA LYS C 92 1.54 14.74 -7.42
C LYS C 92 1.56 14.28 -8.86
N ILE C 93 0.38 14.03 -9.39
CA ILE C 93 0.18 13.75 -10.81
C ILE C 93 -1.16 14.41 -11.15
N ASP C 94 -1.24 15.10 -12.28
CA ASP C 94 -2.51 15.68 -12.72
C ASP C 94 -3.13 14.77 -13.75
N TYR C 95 -4.44 14.57 -13.67
CA TYR C 95 -5.15 13.84 -14.68
C TYR C 95 -6.52 14.51 -14.78
N GLU C 96 -6.75 15.18 -15.90
N GLU C 96 -6.75 15.20 -15.87
CA GLU C 96 -8.00 15.92 -16.11
CA GLU C 96 -7.98 15.95 -16.02
C GLU C 96 -9.24 15.09 -15.84
C GLU C 96 -9.23 15.11 -15.83
N GLY C 97 -10.18 15.66 -15.09
CA GLY C 97 -11.44 15.00 -14.79
C GLY C 97 -11.46 14.30 -13.45
N PHE C 98 -10.29 14.21 -12.82
CA PHE C 98 -10.16 13.49 -11.58
C PHE C 98 -9.31 14.21 -10.56
N ILE C 99 -9.47 13.83 -9.29
CA ILE C 99 -8.60 14.33 -8.25
C ILE C 99 -7.65 13.16 -7.98
N VAL C 100 -6.35 13.39 -8.13
CA VAL C 100 -5.37 12.36 -8.01
C VAL C 100 -4.64 12.48 -6.67
N HIS C 101 -4.61 11.38 -5.93
CA HIS C 101 -3.88 11.33 -4.68
C HIS C 101 -2.74 10.32 -4.82
N VAL C 102 -1.56 10.72 -4.37
CA VAL C 102 -0.37 9.88 -4.51
C VAL C 102 0.43 9.89 -3.23
N SER C 103 1.02 8.74 -2.90
CA SER C 103 1.94 8.66 -1.79
C SER C 103 3.01 7.66 -2.15
N ILE C 104 4.24 7.99 -1.77
N ILE C 104 4.23 7.93 -1.72
CA ILE C 104 5.44 7.20 -2.07
CA ILE C 104 5.33 7.05 -1.97
C ILE C 104 6.25 6.90 -0.81
C ILE C 104 6.04 6.74 -0.69
N SER C 105 6.88 5.72 -0.76
CA SER C 105 7.76 5.35 0.34
C SER C 105 8.90 4.51 -0.20
N HIS C 106 10.05 4.60 0.42
CA HIS C 106 11.13 3.73 0.00
C HIS C 106 12.00 3.36 1.17
N THR C 107 12.63 2.22 1.02
CA THR C 107 13.59 1.71 1.97
C THR C 107 14.86 1.52 1.16
N GLU C 108 15.87 0.89 1.74
CA GLU C 108 17.10 0.63 1.00
C GLU C 108 16.86 -0.24 -0.24
N HIS C 109 15.99 -1.24 -0.12
CA HIS C 109 15.79 -2.19 -1.20
C HIS C 109 14.51 -2.12 -2.00
N TYR C 110 13.53 -1.34 -1.53
CA TYR C 110 12.22 -1.29 -2.13
C TYR C 110 11.68 0.11 -2.26
N ALA C 111 10.94 0.33 -3.32
CA ALA C 111 10.21 1.57 -3.49
C ALA C 111 8.76 1.17 -3.66
N MET C 112 7.86 1.92 -3.08
N MET C 112 7.87 1.85 -2.95
CA MET C 112 6.48 1.67 -3.32
CA MET C 112 6.44 1.59 -3.10
C MET C 112 5.73 2.96 -3.54
C MET C 112 5.57 2.85 -3.26
N SER C 113 4.59 2.82 -4.19
N SER C 113 4.60 2.75 -4.16
CA SER C 113 3.74 3.95 -4.45
CA SER C 113 3.72 3.88 -4.40
C SER C 113 2.31 3.51 -4.45
C SER C 113 2.29 3.48 -4.42
N GLN C 114 1.44 4.38 -3.98
CA GLN C 114 0.01 4.16 -4.06
C GLN C 114 -0.63 5.36 -4.72
N VAL C 115 -1.66 5.11 -5.53
CA VAL C 115 -2.42 6.16 -6.17
C VAL C 115 -3.91 5.91 -5.97
N VAL C 116 -4.65 6.96 -5.72
CA VAL C 116 -6.11 6.90 -5.67
C VAL C 116 -6.66 7.96 -6.60
N LEU C 117 -7.52 7.57 -7.53
CA LEU C 117 -8.19 8.49 -8.40
C LEU C 117 -9.58 8.68 -7.87
N GLU C 118 -9.91 9.92 -7.50
CA GLU C 118 -11.20 10.27 -6.92
C GLU C 118 -12.01 11.00 -7.94
N LYS C 119 -13.32 10.82 -7.89
CA LYS C 119 -14.23 11.49 -8.79
C LYS C 119 -14.31 12.95 -8.41
N SER C 120 -14.35 13.80 -9.42
CA SER C 120 -14.52 15.20 -9.22
C SER C 120 -16.01 15.49 -9.05
N ALA C 121 -16.33 16.46 -8.18
CA ALA C 121 -17.73 16.85 -7.92
C ALA C 121 -18.36 17.49 -9.14
N PHE C 122 -17.50 18.11 -9.94
CA PHE C 122 -17.88 18.82 -11.12
C PHE C 122 -16.94 18.48 -12.25
#